data_3TSZ
#
_entry.id   3TSZ
#
_cell.length_a   50.500
_cell.length_b   49.700
_cell.length_c   91.800
_cell.angle_alpha   90.00
_cell.angle_beta   101.10
_cell.angle_gamma   90.00
#
_symmetry.space_group_name_H-M   'P 1 21 1'
#
loop_
_entity.id
_entity.type
_entity.pdbx_description
1 polymer 'Tight junction protein ZO-1'
2 polymer 'Junctional adhesion molecule A'
3 water water
#
loop_
_entity_poly.entity_id
_entity_poly.type
_entity_poly.pdbx_seq_one_letter_code
_entity_poly.pdbx_strand_id
1 'polypeptide(L)'
;GSHMILRPSMKLVKFRKGDSVGLRLAGGNDVGIFVAGVLEDSPAAKEGLEEGDQILRVNNVDFTNIIREEAVLFLLDLPK
GEEVTILAQKKKDVYRRIVESDVGDSFYIRTHFEYEKESPYGLSFNKGEVFRVVDTLYNGKLGSWLAIRIGKNHKEVERG
IIPNKNRAEQLASVQYTLPKTAGGDRADFWRFRGLRSSKRNLRKSREDLSAQPVQTKFPAYERVVLREAGFLRPVTIFGP
IADVAREKLAREEPDIYQIAKSEPRDAGTDQRSSGIIRLHTIKQIIDQDKHALLDVTPNAVDRLNYAQWYPIVVFLNPDS
KQGVKTMRMRLCPESRKSARKLYERSHKLRKNNHHLFTTTINLNSMNDGWYGALKEAIQQQQNQLVWVSEG
;
A
2 'polypeptide(L)' EGEFKQTSSFLV B
#
# COMPACT_ATOMS: atom_id res chain seq x y z
N SER A 9 4.05 3.63 -38.33
CA SER A 9 3.22 2.63 -39.06
C SER A 9 3.14 1.28 -38.34
N MET A 10 1.90 0.83 -38.13
CA MET A 10 1.61 -0.38 -37.38
C MET A 10 1.99 -1.61 -38.16
N LYS A 11 2.28 -2.69 -37.45
CA LYS A 11 2.35 -4.02 -38.06
C LYS A 11 1.39 -4.98 -37.35
N LEU A 12 0.77 -5.85 -38.12
CA LEU A 12 -0.14 -6.84 -37.58
C LEU A 12 0.30 -8.19 -38.10
N VAL A 13 0.83 -9.01 -37.21
CA VAL A 13 1.43 -10.29 -37.57
C VAL A 13 0.56 -11.44 -37.08
N LYS A 14 0.56 -12.54 -37.83
CA LYS A 14 -0.28 -13.68 -37.49
C LYS A 14 0.45 -15.00 -37.75
N PHE A 15 0.66 -15.77 -36.69
CA PHE A 15 1.42 -17.01 -36.78
C PHE A 15 1.02 -18.01 -35.69
N ARG A 16 1.39 -19.28 -35.91
CA ARG A 16 1.22 -20.33 -34.92
C ARG A 16 2.39 -20.32 -33.94
N LYS A 17 2.13 -20.72 -32.69
CA LYS A 17 3.19 -20.87 -31.68
C LYS A 17 3.77 -22.28 -31.70
N GLY A 18 5.11 -22.36 -31.63
CA GLY A 18 5.81 -23.65 -31.53
C GLY A 18 6.87 -23.65 -30.43
N ASP A 19 6.54 -24.27 -29.29
CA ASP A 19 7.40 -24.32 -28.10
C ASP A 19 7.47 -22.99 -27.34
N SER A 20 7.91 -21.94 -28.02
CA SER A 20 7.84 -20.57 -27.52
C SER A 20 7.40 -19.65 -28.65
N VAL A 21 6.97 -18.43 -28.33
CA VAL A 21 6.65 -17.42 -29.35
C VAL A 21 7.93 -16.87 -29.99
N GLY A 22 9.04 -16.98 -29.27
CA GLY A 22 10.36 -16.61 -29.79
C GLY A 22 10.68 -15.12 -29.67
N LEU A 23 10.41 -14.55 -28.49
CA LEU A 23 10.66 -13.13 -28.23
C LEU A 23 11.26 -12.86 -26.85
N ARG A 24 12.12 -11.86 -26.78
CA ARG A 24 12.64 -11.34 -25.52
C ARG A 24 12.01 -9.97 -25.25
N LEU A 25 11.50 -9.77 -24.04
CA LEU A 25 10.74 -8.55 -23.73
C LEU A 25 11.50 -7.56 -22.87
N ALA A 26 11.36 -6.28 -23.21
CA ALA A 26 11.82 -5.18 -22.37
C ALA A 26 10.69 -4.20 -22.09
N GLY A 27 10.98 -3.16 -21.30
CA GLY A 27 10.02 -2.15 -20.93
C GLY A 27 9.16 -2.58 -19.77
N GLY A 28 7.89 -2.21 -19.82
CA GLY A 28 6.94 -2.46 -18.75
C GLY A 28 5.77 -1.52 -18.86
N ASN A 29 4.98 -1.42 -17.80
CA ASN A 29 3.71 -0.67 -17.83
C ASN A 29 3.82 0.85 -17.94
N ASP A 30 4.98 1.42 -17.64
CA ASP A 30 5.13 2.87 -17.68
C ASP A 30 5.54 3.39 -19.05
N VAL A 31 5.99 2.51 -19.92
CA VAL A 31 6.52 2.92 -21.22
C VAL A 31 6.03 2.06 -22.37
N GLY A 32 5.61 0.84 -22.05
CA GLY A 32 5.24 -0.13 -23.06
C GLY A 32 6.10 -1.36 -22.93
N ILE A 33 5.58 -2.48 -23.41
CA ILE A 33 6.34 -3.70 -23.57
C ILE A 33 7.01 -3.64 -24.94
N PHE A 34 8.33 -3.68 -24.97
CA PHE A 34 9.11 -3.64 -26.21
C PHE A 34 9.79 -4.97 -26.53
N VAL A 35 9.93 -5.26 -27.82
CA VAL A 35 10.70 -6.42 -28.28
C VAL A 35 12.19 -6.12 -28.10
N ALA A 36 12.81 -6.80 -27.14
CA ALA A 36 14.24 -6.66 -26.88
C ALA A 36 15.08 -7.55 -27.80
N GLY A 37 14.44 -8.54 -28.42
CA GLY A 37 15.14 -9.43 -29.35
C GLY A 37 14.28 -10.54 -29.93
N VAL A 38 14.67 -11.01 -31.11
CA VAL A 38 13.97 -12.13 -31.75
C VAL A 38 14.93 -13.28 -31.99
N LEU A 39 14.49 -14.48 -31.62
CA LEU A 39 15.19 -15.71 -31.96
C LEU A 39 15.06 -15.92 -33.46
N GLU A 40 16.19 -16.22 -34.10
CA GLU A 40 16.26 -16.33 -35.55
C GLU A 40 15.39 -17.46 -36.13
N ASP A 41 15.04 -17.31 -37.41
CA ASP A 41 14.30 -18.32 -38.18
C ASP A 41 12.82 -18.43 -37.78
N SER A 42 12.53 -18.15 -36.51
CA SER A 42 11.22 -18.37 -35.90
C SER A 42 10.06 -17.75 -36.68
N PRO A 43 8.83 -18.28 -36.49
CA PRO A 43 7.66 -17.80 -37.21
C PRO A 43 7.34 -16.32 -36.92
N ALA A 44 7.74 -15.85 -35.74
CA ALA A 44 7.61 -14.44 -35.38
C ALA A 44 8.65 -13.59 -36.12
N ALA A 45 9.87 -14.13 -36.24
CA ALA A 45 10.91 -13.47 -37.03
C ALA A 45 10.54 -13.49 -38.51
N LYS A 46 9.84 -14.55 -38.92
CA LYS A 46 9.37 -14.72 -40.29
C LYS A 46 8.34 -13.66 -40.67
N GLU A 47 7.47 -13.32 -39.74
CA GLU A 47 6.34 -12.45 -40.02
C GLU A 47 6.68 -10.96 -39.91
N GLY A 48 7.94 -10.65 -39.62
CA GLY A 48 8.42 -9.27 -39.65
C GLY A 48 9.01 -8.69 -38.37
N LEU A 49 8.59 -9.23 -37.22
CA LEU A 49 8.95 -8.70 -35.90
C LEU A 49 10.45 -8.57 -35.66
N GLU A 50 10.85 -7.46 -35.04
CA GLU A 50 12.27 -7.16 -34.79
C GLU A 50 12.48 -6.31 -33.54
N GLU A 51 13.74 -6.18 -33.14
CA GLU A 51 14.12 -5.36 -31.99
C GLU A 51 13.62 -3.93 -32.15
N GLY A 52 13.17 -3.35 -31.04
CA GLY A 52 12.71 -1.96 -31.03
C GLY A 52 11.21 -1.77 -31.23
N ASP A 53 10.51 -2.86 -31.53
CA ASP A 53 9.07 -2.81 -31.74
C ASP A 53 8.32 -2.89 -30.42
N GLN A 54 7.37 -1.99 -30.23
CA GLN A 54 6.45 -2.03 -29.08
C GLN A 54 5.32 -3.01 -29.37
N ILE A 55 5.07 -3.91 -28.43
CA ILE A 55 3.92 -4.80 -28.54
C ILE A 55 2.68 -4.10 -27.97
N LEU A 56 1.71 -3.84 -28.83
CA LEU A 56 0.54 -3.04 -28.46
C LEU A 56 -0.59 -3.92 -27.96
N ARG A 57 -0.81 -5.04 -28.66
CA ARG A 57 -1.89 -5.97 -28.37
C ARG A 57 -1.46 -7.36 -28.76
N VAL A 58 -1.87 -8.35 -27.97
CA VAL A 58 -1.65 -9.75 -28.29
C VAL A 58 -3.00 -10.45 -28.16
N ASN A 59 -3.38 -11.14 -29.23
CA ASN A 59 -4.69 -11.77 -29.34
C ASN A 59 -5.81 -10.78 -29.06
N ASN A 60 -6.45 -10.90 -27.91
CA ASN A 60 -7.53 -10.01 -27.51
C ASN A 60 -7.18 -9.14 -26.31
N VAL A 61 -5.89 -9.07 -26.01
CA VAL A 61 -5.42 -8.47 -24.77
C VAL A 61 -4.54 -7.25 -25.02
N ASP A 62 -4.84 -6.17 -24.31
CA ASP A 62 -4.10 -4.92 -24.41
C ASP A 62 -2.79 -5.01 -23.65
N PHE A 63 -1.69 -4.71 -24.35
CA PHE A 63 -0.36 -4.74 -23.78
C PHE A 63 0.22 -3.35 -23.51
N THR A 64 -0.58 -2.29 -23.67
CA THR A 64 -0.04 -0.92 -23.52
C THR A 64 0.13 -0.48 -22.07
N ASN A 65 -0.56 -1.14 -21.15
CA ASN A 65 -0.33 -0.90 -19.72
C ASN A 65 -0.40 -2.20 -18.91
N ILE A 66 0.49 -3.12 -19.27
CA ILE A 66 0.63 -4.38 -18.55
C ILE A 66 2.05 -4.38 -17.96
N ILE A 67 2.20 -4.89 -16.75
CA ILE A 67 3.53 -4.97 -16.15
C ILE A 67 4.32 -6.09 -16.84
N ARG A 68 5.64 -5.97 -16.83
CA ARG A 68 6.48 -6.84 -17.66
C ARG A 68 6.33 -8.31 -17.27
N GLU A 69 6.31 -8.59 -15.97
CA GLU A 69 6.10 -9.94 -15.50
C GLU A 69 4.80 -10.54 -16.07
N GLU A 70 3.75 -9.74 -16.14
CA GLU A 70 2.45 -10.26 -16.55
C GLU A 70 2.44 -10.60 -18.03
N ALA A 71 3.11 -9.77 -18.80
CA ALA A 71 3.26 -9.95 -20.25
C ALA A 71 4.06 -11.22 -20.59
N VAL A 72 5.07 -11.50 -19.78
CA VAL A 72 5.93 -12.65 -19.98
C VAL A 72 5.14 -13.92 -19.69
N LEU A 73 4.41 -13.92 -18.59
CA LEU A 73 3.61 -15.09 -18.22
C LEU A 73 2.48 -15.36 -19.22
N PHE A 74 1.92 -14.29 -19.78
CA PHE A 74 0.86 -14.40 -20.79
C PHE A 74 1.35 -15.08 -22.06
N LEU A 75 2.54 -14.68 -22.52
CA LEU A 75 3.10 -15.26 -23.75
C LEU A 75 3.59 -16.68 -23.49
N LEU A 76 4.00 -16.93 -22.25
CA LEU A 76 4.38 -18.27 -21.82
C LEU A 76 3.15 -19.18 -21.77
N ASP A 77 2.03 -18.64 -21.25
CA ASP A 77 0.80 -19.40 -21.04
C ASP A 77 0.04 -19.73 -22.33
N LEU A 78 0.45 -19.13 -23.45
CA LEU A 78 -0.18 -19.39 -24.74
C LEU A 78 0.04 -20.82 -25.23
N PRO A 79 -1.04 -21.51 -25.60
CA PRO A 79 -0.93 -22.90 -26.09
C PRO A 79 -0.14 -22.99 -27.39
N LYS A 80 0.83 -23.90 -27.43
CA LYS A 80 1.57 -24.22 -28.64
C LYS A 80 0.62 -24.87 -29.64
N GLY A 81 0.91 -24.71 -30.93
CA GLY A 81 0.08 -25.26 -31.99
C GLY A 81 -1.06 -24.33 -32.35
N GLU A 82 -1.33 -23.36 -31.49
CA GLU A 82 -2.44 -22.43 -31.70
C GLU A 82 -1.99 -21.02 -32.10
N GLU A 83 -2.93 -20.30 -32.71
CA GLU A 83 -2.64 -19.10 -33.47
C GLU A 83 -2.51 -17.83 -32.62
N VAL A 84 -1.43 -17.08 -32.85
CA VAL A 84 -1.16 -15.82 -32.16
C VAL A 84 -1.20 -14.63 -33.13
N THR A 85 -1.90 -13.56 -32.74
CA THR A 85 -1.95 -12.32 -33.51
C THR A 85 -1.39 -11.17 -32.66
N ILE A 86 -0.51 -10.35 -33.25
CA ILE A 86 0.18 -9.29 -32.51
C ILE A 86 0.16 -7.94 -33.24
N LEU A 87 -0.41 -6.93 -32.59
CA LEU A 87 -0.26 -5.57 -33.08
C LEU A 87 1.04 -5.00 -32.53
N ALA A 88 1.89 -4.50 -33.43
CA ALA A 88 3.15 -3.89 -33.02
C ALA A 88 3.47 -2.63 -33.81
N GLN A 89 4.50 -1.91 -33.36
CA GLN A 89 4.92 -0.67 -33.98
C GLN A 89 6.39 -0.42 -33.72
N LYS A 90 7.14 -0.05 -34.76
CA LYS A 90 8.55 0.28 -34.59
C LYS A 90 8.69 1.64 -33.94
N LYS A 91 9.30 1.65 -32.76
CA LYS A 91 9.53 2.89 -32.02
C LYS A 91 10.95 2.88 -31.46
N LYS A 92 11.93 2.86 -32.35
CA LYS A 92 13.34 2.87 -32.00
C LYS A 92 13.73 4.13 -31.21
N ASP A 93 13.01 5.22 -31.46
CA ASP A 93 13.20 6.49 -30.72
C ASP A 93 13.05 6.27 -29.22
N VAL A 94 12.18 5.33 -28.84
CA VAL A 94 11.84 5.10 -27.42
C VAL A 94 12.52 3.86 -26.84
N TYR A 95 12.65 2.80 -27.64
CA TYR A 95 13.33 1.59 -27.16
C TYR A 95 14.78 1.86 -26.80
N ARG A 96 15.45 2.70 -27.60
CA ARG A 96 16.83 3.10 -27.34
C ARG A 96 16.93 3.82 -25.99
N ARG A 97 15.91 4.59 -25.65
CA ARG A 97 15.89 5.35 -24.40
C ARG A 97 15.21 4.57 -23.26
N ILE A 98 15.05 3.27 -23.48
CA ILE A 98 14.62 2.33 -22.45
C ILE A 98 15.89 1.60 -21.97
N VAL A 99 16.98 1.83 -22.68
CA VAL A 99 18.29 1.23 -22.39
C VAL A 99 19.15 2.19 -21.57
N GLU A 100 19.15 3.47 -21.94
CA GLU A 100 19.87 4.51 -21.19
C GLU A 100 19.38 4.62 -19.76
N SER A 101 18.05 4.60 -19.59
CA SER A 101 17.40 4.65 -18.28
C SER A 101 16.81 3.28 -17.94
N ASP A 102 16.65 3.03 -16.65
CA ASP A 102 16.07 1.77 -16.17
C ASP A 102 14.64 1.56 -16.66
N VAL A 103 13.92 2.68 -16.82
CA VAL A 103 12.48 2.76 -17.08
C VAL A 103 11.82 1.52 -17.70
N GLY A 104 10.73 1.06 -17.07
CA GLY A 104 9.98 -0.09 -17.55
C GLY A 104 8.63 -0.11 -16.87
N ASP A 105 8.62 -0.59 -15.63
CA ASP A 105 7.41 -0.60 -14.82
C ASP A 105 7.37 0.64 -13.92
N SER A 106 6.16 1.03 -13.52
CA SER A 106 5.98 2.05 -12.49
C SER A 106 4.55 1.98 -11.96
N PHE A 107 4.42 1.58 -10.69
CA PHE A 107 3.15 1.51 -9.98
C PHE A 107 3.48 1.33 -8.50
N TYR A 108 2.48 1.47 -7.64
CA TYR A 108 2.73 1.49 -6.20
C TYR A 108 2.03 0.34 -5.53
N ILE A 109 2.67 -0.18 -4.49
CA ILE A 109 2.13 -1.29 -3.72
C ILE A 109 2.20 -1.00 -2.24
N ARG A 110 1.32 -1.64 -1.50
CA ARG A 110 1.36 -1.56 -0.05
C ARG A 110 1.62 -2.96 0.47
N THR A 111 2.54 -3.06 1.42
CA THR A 111 2.88 -4.32 2.04
C THR A 111 1.96 -4.63 3.21
N HIS A 112 1.49 -5.87 3.27
CA HIS A 112 0.63 -6.30 4.35
C HIS A 112 1.24 -7.48 5.10
N PHE A 113 2.57 -7.50 5.16
CA PHE A 113 3.33 -8.50 5.93
C PHE A 113 4.77 -8.01 6.18
N GLU A 114 5.47 -8.68 7.09
CA GLU A 114 6.85 -8.32 7.43
C GLU A 114 7.81 -9.15 6.59
N TYR A 115 8.86 -8.49 6.06
CA TYR A 115 9.88 -9.18 5.26
C TYR A 115 11.26 -8.70 5.63
N GLU A 116 12.17 -9.66 5.80
CA GLU A 116 13.58 -9.39 6.09
C GLU A 116 14.44 -9.71 4.87
N LYS A 117 15.17 -8.71 4.39
CA LYS A 117 16.01 -8.81 3.19
C LYS A 117 16.88 -10.08 3.17
N GLU A 118 16.92 -10.74 2.01
CA GLU A 118 17.67 -11.98 1.86
C GLU A 118 19.05 -11.72 1.25
N SER A 119 19.34 -10.44 1.05
CA SER A 119 20.54 -9.97 0.35
C SER A 119 20.75 -8.51 0.74
N PRO A 120 22.01 -8.03 0.70
CA PRO A 120 22.26 -6.62 1.02
C PRO A 120 21.65 -5.64 0.02
N TYR A 121 21.29 -6.15 -1.15
CA TYR A 121 20.60 -5.35 -2.17
C TYR A 121 19.09 -5.44 -1.98
N GLY A 122 18.67 -6.26 -1.02
CA GLY A 122 17.25 -6.40 -0.68
C GLY A 122 16.72 -5.20 0.10
N LEU A 123 15.40 -5.17 0.27
CA LEU A 123 14.76 -4.19 1.13
C LEU A 123 13.92 -4.91 2.17
N SER A 124 14.09 -4.56 3.43
CA SER A 124 13.19 -5.06 4.48
C SER A 124 11.99 -4.14 4.63
N PHE A 125 10.90 -4.67 5.17
CA PHE A 125 9.73 -3.85 5.50
C PHE A 125 8.83 -4.44 6.58
N ASN A 126 8.08 -3.56 7.24
CA ASN A 126 7.00 -3.94 8.12
C ASN A 126 5.69 -3.75 7.35
N LYS A 127 4.58 -4.16 7.98
CA LYS A 127 3.24 -3.92 7.43
C LYS A 127 3.01 -2.43 7.16
N GLY A 128 2.22 -2.14 6.12
CA GLY A 128 1.79 -0.78 5.83
C GLY A 128 2.71 0.13 5.04
N GLU A 129 3.94 -0.32 4.78
CA GLU A 129 4.87 0.45 3.96
C GLU A 129 4.49 0.43 2.48
N VAL A 130 4.80 1.53 1.79
CA VAL A 130 4.43 1.71 0.40
C VAL A 130 5.68 1.71 -0.49
N PHE A 131 5.54 1.19 -1.71
CA PHE A 131 6.67 1.06 -2.64
C PHE A 131 6.29 1.41 -4.07
N ARG A 132 7.18 2.10 -4.76
CA ARG A 132 7.08 2.26 -6.19
C ARG A 132 7.86 1.12 -6.82
N VAL A 133 7.16 0.26 -7.57
CA VAL A 133 7.79 -0.88 -8.22
C VAL A 133 8.22 -0.45 -9.62
N VAL A 134 9.50 -0.62 -9.92
CA VAL A 134 10.08 -0.11 -11.18
C VAL A 134 10.49 -1.21 -12.17
N ASP A 135 10.58 -2.45 -11.69
CA ASP A 135 11.02 -3.59 -12.50
C ASP A 135 10.48 -4.90 -11.96
N THR A 136 9.69 -5.59 -12.77
CA THR A 136 9.05 -6.82 -12.35
C THR A 136 9.83 -8.08 -12.79
N LEU A 137 10.94 -7.88 -13.50
CA LEU A 137 11.87 -8.95 -13.88
C LEU A 137 13.34 -8.60 -13.63
N TYR A 138 13.70 -8.35 -12.38
CA TYR A 138 15.10 -8.05 -12.04
C TYR A 138 16.04 -9.13 -12.61
N ASN A 139 17.12 -8.68 -13.24
CA ASN A 139 18.07 -9.55 -13.93
C ASN A 139 17.49 -10.43 -15.04
N GLY A 140 16.30 -10.07 -15.52
CA GLY A 140 15.65 -10.79 -16.61
C GLY A 140 15.10 -12.15 -16.23
N LYS A 141 14.89 -12.35 -14.94
CA LYS A 141 14.34 -13.60 -14.43
C LYS A 141 13.10 -13.29 -13.59
N LEU A 142 12.31 -14.31 -13.29
CA LEU A 142 11.22 -14.15 -12.32
C LEU A 142 11.66 -14.58 -10.94
N GLY A 143 11.18 -13.86 -9.93
CA GLY A 143 11.57 -14.09 -8.55
C GLY A 143 11.56 -12.82 -7.73
N SER A 144 12.18 -11.78 -8.26
CA SER A 144 12.29 -10.53 -7.55
C SER A 144 11.71 -9.36 -8.31
N TRP A 145 11.27 -8.36 -7.56
CA TRP A 145 10.90 -7.05 -8.09
C TRP A 145 11.92 -6.00 -7.65
N LEU A 146 12.26 -5.09 -8.56
CA LEU A 146 13.04 -3.92 -8.18
C LEU A 146 12.07 -2.83 -7.79
N ALA A 147 12.36 -2.15 -6.69
CA ALA A 147 11.38 -1.29 -6.03
C ALA A 147 12.05 -0.16 -5.26
N ILE A 148 11.29 0.90 -5.03
CA ILE A 148 11.75 2.07 -4.29
C ILE A 148 10.83 2.32 -3.10
N ARG A 149 11.44 2.41 -1.91
CA ARG A 149 10.71 2.73 -0.69
C ARG A 149 10.18 4.16 -0.65
N ILE A 150 8.93 4.30 -0.24
CA ILE A 150 8.31 5.61 -0.03
C ILE A 150 7.86 5.72 1.42
N GLY A 151 8.35 6.76 2.10
CA GLY A 151 7.95 7.03 3.48
C GLY A 151 7.47 8.46 3.70
N LYS A 152 8.24 9.21 4.49
CA LYS A 152 7.89 10.58 4.91
C LYS A 152 7.99 11.59 3.76
N ASN A 153 6.96 12.45 3.65
CA ASN A 153 6.88 13.49 2.62
C ASN A 153 6.81 12.91 1.20
N HIS A 154 6.35 11.66 1.11
CA HIS A 154 6.17 10.93 -0.16
C HIS A 154 7.42 10.83 -1.03
N LYS A 155 8.59 10.83 -0.39
CA LYS A 155 9.85 10.86 -1.14
C LYS A 155 10.54 9.49 -1.30
N GLU A 156 11.25 9.37 -2.41
CA GLU A 156 11.96 8.15 -2.76
C GLU A 156 13.24 8.06 -1.94
N VAL A 157 13.16 7.30 -0.84
CA VAL A 157 14.25 7.25 0.14
C VAL A 157 15.32 6.20 -0.15
N GLU A 158 14.94 5.12 -0.82
CA GLU A 158 15.81 3.94 -0.96
C GLU A 158 15.33 3.01 -2.08
N ARG A 159 16.28 2.38 -2.77
CA ARG A 159 16.00 1.52 -3.91
C ARG A 159 16.63 0.14 -3.71
N GLY A 160 15.88 -0.92 -4.03
CA GLY A 160 16.36 -2.30 -3.84
C GLY A 160 15.41 -3.40 -4.26
N ILE A 161 15.85 -4.64 -4.10
CA ILE A 161 15.05 -5.80 -4.53
C ILE A 161 14.09 -6.31 -3.46
N ILE A 162 12.95 -6.83 -3.90
CA ILE A 162 11.94 -7.43 -3.03
C ILE A 162 11.37 -8.64 -3.76
N PRO A 163 10.65 -9.52 -3.04
CA PRO A 163 9.93 -10.62 -3.68
C PRO A 163 8.86 -10.14 -4.66
N ASN A 164 8.60 -10.94 -5.70
CA ASN A 164 7.47 -10.68 -6.58
C ASN A 164 6.18 -11.02 -5.84
N LYS A 165 5.04 -10.58 -6.37
CA LYS A 165 3.78 -10.79 -5.67
C LYS A 165 3.53 -12.28 -5.39
N ASN A 166 3.91 -13.13 -6.34
CA ASN A 166 3.68 -14.56 -6.20
C ASN A 166 4.35 -15.18 -4.97
N ARG A 167 5.62 -14.90 -4.80
CA ARG A 167 6.34 -15.31 -3.60
C ARG A 167 5.86 -14.59 -2.34
N ALA A 168 5.47 -13.32 -2.49
CA ALA A 168 4.98 -12.53 -1.37
C ALA A 168 3.70 -13.10 -0.78
N GLU A 169 2.68 -13.30 -1.61
CA GLU A 169 1.43 -13.91 -1.15
C GLU A 169 1.67 -15.25 -0.46
N GLN A 170 2.76 -15.90 -0.86
CA GLN A 170 3.17 -17.19 -0.30
C GLN A 170 3.94 -17.00 1.01
N LEU A 171 4.84 -16.02 1.05
CA LEU A 171 5.54 -15.64 2.28
C LEU A 171 4.58 -15.11 3.34
N ALA A 172 3.49 -14.49 2.89
CA ALA A 172 2.51 -13.91 3.79
C ALA A 172 1.55 -14.94 4.38
N SER A 173 1.34 -16.04 3.65
CA SER A 173 0.48 -17.13 4.11
C SER A 173 1.01 -17.81 5.37
N VAL A 174 2.31 -17.69 5.63
CA VAL A 174 2.90 -18.17 6.88
C VAL A 174 2.59 -17.18 8.02
N GLN A 175 1.35 -16.73 8.07
CA GLN A 175 0.82 -15.89 9.15
C GLN A 175 -0.69 -16.19 9.31
N TYR A 176 -1.01 -17.49 9.33
CA TYR A 176 -2.39 -17.97 9.44
C TYR A 176 -2.48 -19.24 10.29
N THR A 216 -5.69 -10.56 8.47
CA THR A 216 -6.29 -9.51 7.65
C THR A 216 -7.11 -10.12 6.51
N LYS A 217 -7.87 -9.26 5.83
CA LYS A 217 -8.47 -9.63 4.55
C LYS A 217 -7.57 -9.18 3.39
N PHE A 218 -6.48 -8.49 3.73
CA PHE A 218 -5.57 -7.87 2.75
C PHE A 218 -4.62 -8.85 2.05
N PRO A 219 -4.31 -8.60 0.76
CA PRO A 219 -3.27 -9.35 0.05
C PRO A 219 -1.87 -8.89 0.50
N ALA A 220 -0.85 -9.70 0.23
CA ALA A 220 0.52 -9.38 0.64
C ALA A 220 0.96 -8.04 0.06
N TYR A 221 0.74 -7.88 -1.24
CA TYR A 221 0.94 -6.62 -1.92
C TYR A 221 -0.41 -6.19 -2.45
N GLU A 222 -0.83 -4.98 -2.09
CA GLU A 222 -2.01 -4.39 -2.70
C GLU A 222 -1.60 -3.22 -3.58
N ARG A 223 -2.23 -3.11 -4.75
CA ARG A 223 -2.03 -1.97 -5.61
C ARG A 223 -2.67 -0.77 -4.96
N VAL A 224 -1.86 0.26 -4.70
CA VAL A 224 -2.37 1.51 -4.15
C VAL A 224 -2.18 2.68 -5.10
N VAL A 225 -2.82 3.79 -4.77
CA VAL A 225 -2.58 5.05 -5.45
C VAL A 225 -3.11 6.23 -4.62
N LEU A 226 -2.50 7.41 -4.78
CA LEU A 226 -2.80 8.62 -4.00
C LEU A 226 -4.12 9.23 -4.37
N ARG A 227 -5.00 9.39 -3.39
CA ARG A 227 -6.28 10.07 -3.61
C ARG A 227 -6.58 11.06 -2.50
N GLU A 228 -7.50 11.99 -2.80
CA GLU A 228 -7.99 12.93 -1.80
C GLU A 228 -9.31 12.42 -1.23
N ALA A 229 -9.40 12.37 0.09
CA ALA A 229 -10.62 11.97 0.76
C ALA A 229 -11.80 12.88 0.39
N GLY A 230 -12.76 12.33 -0.36
CA GLY A 230 -13.97 13.06 -0.73
C GLY A 230 -15.07 13.01 0.31
N PHE A 231 -14.67 12.77 1.56
CA PHE A 231 -15.58 12.67 2.71
C PHE A 231 -14.80 12.91 3.99
N LEU A 232 -15.51 13.13 5.09
CA LEU A 232 -14.85 13.31 6.40
C LEU A 232 -14.45 11.99 7.06
N ARG A 233 -13.14 11.81 7.20
CA ARG A 233 -12.55 10.57 7.69
C ARG A 233 -12.83 10.32 9.17
N PRO A 234 -13.15 9.07 9.52
CA PRO A 234 -13.34 8.66 10.91
C PRO A 234 -12.04 8.85 11.66
N VAL A 235 -12.12 9.06 12.97
CA VAL A 235 -10.94 9.36 13.75
C VAL A 235 -10.79 8.43 14.93
N THR A 236 -9.69 7.69 14.91
CA THR A 236 -9.32 6.83 16.02
C THR A 236 -8.18 7.50 16.75
N ILE A 237 -8.24 7.44 18.08
CA ILE A 237 -7.26 8.04 18.96
C ILE A 237 -6.80 6.96 19.91
N PHE A 238 -5.48 6.79 20.01
CA PHE A 238 -4.88 5.84 20.94
C PHE A 238 -4.00 6.59 21.94
N GLY A 239 -3.66 5.91 23.03
CA GLY A 239 -2.88 6.51 24.11
C GLY A 239 -3.68 6.65 25.38
N PRO A 240 -3.01 7.03 26.48
CA PRO A 240 -3.62 7.07 27.82
C PRO A 240 -4.53 8.28 28.07
N ILE A 241 -4.67 9.16 27.08
CA ILE A 241 -5.50 10.36 27.19
C ILE A 241 -6.62 10.34 26.13
N ALA A 242 -6.68 9.24 25.37
CA ALA A 242 -7.62 9.07 24.26
C ALA A 242 -9.07 9.27 24.67
N ASP A 243 -9.47 8.60 25.75
CA ASP A 243 -10.85 8.71 26.24
C ASP A 243 -11.22 10.15 26.66
N VAL A 244 -10.28 10.86 27.27
CA VAL A 244 -10.47 12.27 27.62
C VAL A 244 -10.54 13.11 26.34
N ALA A 245 -9.70 12.76 25.36
CA ALA A 245 -9.64 13.48 24.09
C ALA A 245 -10.92 13.34 23.25
N ARG A 246 -11.45 12.12 23.21
CA ARG A 246 -12.71 11.84 22.53
C ARG A 246 -13.84 12.65 23.12
N GLU A 247 -13.96 12.61 24.45
CA GLU A 247 -15.01 13.32 25.14
C GLU A 247 -14.84 14.83 24.95
N LYS A 248 -13.60 15.29 25.05
CA LYS A 248 -13.28 16.72 24.93
C LYS A 248 -13.65 17.27 23.55
N LEU A 249 -13.23 16.55 22.51
CA LEU A 249 -13.48 16.98 21.13
C LEU A 249 -14.96 17.04 20.84
N ALA A 250 -15.69 16.02 21.27
CA ALA A 250 -17.14 15.92 21.05
C ALA A 250 -17.90 16.98 21.83
N ARG A 251 -17.45 17.24 23.06
CA ARG A 251 -18.11 18.19 23.95
C ARG A 251 -17.92 19.62 23.46
N GLU A 252 -16.67 19.99 23.19
CA GLU A 252 -16.33 21.37 22.84
C GLU A 252 -16.59 21.70 21.38
N GLU A 253 -16.39 20.71 20.51
CA GLU A 253 -16.53 20.92 19.08
C GLU A 253 -17.53 19.94 18.46
N PRO A 254 -18.82 20.03 18.87
CA PRO A 254 -19.83 19.05 18.43
C PRO A 254 -20.26 19.26 16.99
N ASP A 255 -19.95 20.45 16.47
CA ASP A 255 -20.30 20.86 15.12
C ASP A 255 -19.48 20.09 14.07
N ILE A 256 -18.30 19.62 14.47
CA ILE A 256 -17.40 18.92 13.55
C ILE A 256 -17.25 17.43 13.89
N TYR A 257 -17.25 17.11 15.19
CA TYR A 257 -16.94 15.76 15.68
C TYR A 257 -18.12 15.07 16.36
N GLN A 258 -18.19 13.74 16.23
CA GLN A 258 -19.22 12.96 16.91
C GLN A 258 -18.71 11.59 17.36
N ILE A 259 -18.99 11.23 18.61
CA ILE A 259 -18.65 9.90 19.14
C ILE A 259 -19.63 8.88 18.54
N ALA A 260 -19.09 7.75 18.10
CA ALA A 260 -19.90 6.65 17.59
C ALA A 260 -20.20 5.67 18.70
N LYS A 261 -21.48 5.31 18.85
CA LYS A 261 -21.90 4.45 19.96
C LYS A 261 -21.45 3.00 19.79
N SER A 262 -20.99 2.44 20.90
CA SER A 262 -20.51 1.07 20.95
C SER A 262 -21.68 0.09 21.01
N GLU A 263 -21.53 -1.04 20.33
CA GLU A 263 -22.45 -2.16 20.45
C GLU A 263 -22.30 -2.80 21.84
N PRO A 264 -23.30 -3.60 22.27
CA PRO A 264 -23.18 -4.26 23.57
C PRO A 264 -21.90 -5.11 23.71
N ARG A 265 -21.49 -5.30 24.96
CA ARG A 265 -20.29 -6.06 25.31
C ARG A 265 -20.50 -7.56 25.11
N ASP A 266 -19.54 -8.21 24.43
CA ASP A 266 -19.56 -9.67 24.25
C ASP A 266 -19.25 -10.37 25.58
N ALA A 267 -19.98 -11.44 25.86
CA ALA A 267 -19.85 -12.16 27.14
C ALA A 267 -18.46 -12.73 27.33
N GLY A 268 -17.94 -12.61 28.55
CA GLY A 268 -16.60 -13.09 28.89
C GLY A 268 -15.49 -12.44 28.08
N THR A 269 -15.40 -11.11 28.16
CA THR A 269 -14.31 -10.38 27.50
C THR A 269 -13.44 -9.65 28.54
N ASP A 270 -13.69 -8.37 28.78
CA ASP A 270 -12.90 -7.57 29.72
C ASP A 270 -13.73 -6.59 30.57
N GLN A 271 -15.04 -6.55 30.30
CA GLN A 271 -15.98 -5.60 30.94
C GLN A 271 -15.68 -4.12 30.63
N ARG A 272 -15.29 -3.85 29.38
CA ARG A 272 -14.99 -2.49 28.92
C ARG A 272 -15.62 -2.20 27.56
N GLY A 275 -17.13 -2.51 23.53
CA GLY A 275 -17.92 -3.07 22.45
C GLY A 275 -17.48 -2.54 21.11
N ILE A 276 -17.60 -3.37 20.07
CA ILE A 276 -17.27 -2.97 18.71
C ILE A 276 -18.22 -1.88 18.20
N ILE A 277 -17.87 -1.25 17.09
CA ILE A 277 -18.73 -0.27 16.44
C ILE A 277 -19.01 -0.74 15.02
N ARG A 278 -20.25 -0.58 14.57
CA ARG A 278 -20.62 -1.03 13.23
C ARG A 278 -20.34 -0.02 12.14
N LEU A 279 -20.11 -0.53 10.93
CA LEU A 279 -19.91 0.27 9.73
C LEU A 279 -21.10 1.18 9.47
N HIS A 280 -22.29 0.71 9.82
CA HIS A 280 -23.53 1.46 9.68
C HIS A 280 -23.56 2.68 10.61
N THR A 281 -23.10 2.51 11.84
CA THR A 281 -23.06 3.59 12.83
C THR A 281 -22.10 4.69 12.36
N ILE A 282 -20.95 4.26 11.86
CA ILE A 282 -19.92 5.14 11.31
C ILE A 282 -20.43 5.85 10.05
N LYS A 283 -20.90 5.07 9.07
CA LYS A 283 -21.41 5.60 7.81
C LYS A 283 -22.44 6.69 8.01
N GLN A 284 -23.30 6.51 9.02
CA GLN A 284 -24.37 7.45 9.32
C GLN A 284 -23.85 8.78 9.85
N ILE A 285 -22.67 8.74 10.47
CA ILE A 285 -22.02 9.96 10.97
C ILE A 285 -21.29 10.66 9.82
N ILE A 286 -20.66 9.87 8.96
CA ILE A 286 -20.06 10.38 7.71
C ILE A 286 -21.14 11.02 6.85
N ASP A 287 -22.34 10.42 6.88
CA ASP A 287 -23.51 10.92 6.15
C ASP A 287 -23.95 12.35 6.47
N GLN A 288 -23.36 12.94 7.51
CA GLN A 288 -23.66 14.34 7.85
C GLN A 288 -22.44 15.22 8.13
N ASP A 289 -21.44 15.11 7.26
CA ASP A 289 -20.21 15.92 7.33
C ASP A 289 -19.70 16.17 8.75
N LYS A 290 -19.47 15.07 9.47
CA LYS A 290 -18.91 15.13 10.81
C LYS A 290 -17.91 14.00 10.96
N HIS A 291 -16.84 14.25 11.70
CA HIS A 291 -15.82 13.25 11.97
C HIS A 291 -16.30 12.27 13.04
N ALA A 292 -16.34 10.99 12.69
CA ALA A 292 -16.70 9.95 13.66
C ALA A 292 -15.51 9.59 14.56
N LEU A 293 -15.66 9.84 15.86
CA LEU A 293 -14.65 9.43 16.83
C LEU A 293 -14.89 7.99 17.24
N LEU A 294 -13.89 7.14 17.04
CA LEU A 294 -14.06 5.71 17.30
C LEU A 294 -13.18 5.16 18.41
N ASP A 295 -13.83 4.54 19.39
CA ASP A 295 -13.15 3.78 20.43
C ASP A 295 -13.13 2.30 20.00
N VAL A 296 -12.15 1.93 19.20
CA VAL A 296 -12.08 0.61 18.59
C VAL A 296 -10.70 -0.02 18.75
N THR A 297 -10.59 -1.32 18.53
CA THR A 297 -9.32 -2.01 18.62
C THR A 297 -8.49 -1.75 17.35
N PRO A 298 -7.18 -2.07 17.39
CA PRO A 298 -6.31 -2.04 16.21
C PRO A 298 -6.82 -2.84 15.01
N ASN A 299 -7.40 -4.01 15.25
CA ASN A 299 -7.91 -4.84 14.15
C ASN A 299 -9.12 -4.21 13.46
N ALA A 300 -9.98 -3.57 14.25
CA ALA A 300 -11.12 -2.84 13.72
C ALA A 300 -10.67 -1.72 12.79
N VAL A 301 -9.57 -1.07 13.15
CA VAL A 301 -8.93 -0.07 12.32
C VAL A 301 -8.47 -0.70 10.99
N ASP A 302 -7.94 -1.92 11.07
CA ASP A 302 -7.47 -2.60 9.87
C ASP A 302 -8.63 -3.00 8.96
N ARG A 303 -9.68 -3.56 9.54
CA ARG A 303 -10.92 -3.85 8.82
C ARG A 303 -11.50 -2.57 8.21
N LEU A 304 -11.37 -1.45 8.93
CA LEU A 304 -11.82 -0.16 8.42
C LEU A 304 -10.96 0.35 7.28
N ASN A 305 -9.64 0.13 7.37
CA ASN A 305 -8.71 0.37 6.25
C ASN A 305 -9.09 -0.46 5.03
N TYR A 306 -9.45 -1.71 5.25
CA TYR A 306 -9.86 -2.61 4.17
C TYR A 306 -11.19 -2.15 3.52
N ALA A 307 -12.18 -1.79 4.33
CA ALA A 307 -13.44 -1.29 3.77
C ALA A 307 -13.29 0.13 3.21
N GLN A 308 -12.04 0.50 2.90
CA GLN A 308 -11.66 1.80 2.33
C GLN A 308 -12.23 3.03 3.08
N TRP A 309 -12.31 2.95 4.40
CA TRP A 309 -12.74 4.13 5.19
C TRP A 309 -11.56 4.83 5.88
N TYR A 310 -10.35 4.33 5.63
CA TYR A 310 -9.10 4.91 6.12
C TYR A 310 -9.25 5.96 7.21
N PRO A 311 -9.45 5.52 8.46
CA PRO A 311 -9.57 6.48 9.54
C PRO A 311 -8.24 7.21 9.81
N ILE A 312 -8.35 8.46 10.23
CA ILE A 312 -7.21 9.20 10.78
C ILE A 312 -6.86 8.54 12.09
N VAL A 313 -5.63 8.06 12.22
CA VAL A 313 -5.22 7.31 13.41
C VAL A 313 -4.18 8.08 14.20
N VAL A 314 -4.61 8.69 15.30
CA VAL A 314 -3.73 9.50 16.14
C VAL A 314 -3.31 8.77 17.41
N PHE A 315 -2.01 8.56 17.56
CA PHE A 315 -1.45 8.04 18.77
C PHE A 315 -0.94 9.19 19.63
N LEU A 316 -1.48 9.29 20.84
CA LEU A 316 -1.03 10.26 21.82
C LEU A 316 0.03 9.57 22.65
N ASN A 317 1.29 9.95 22.41
CA ASN A 317 2.44 9.31 23.04
C ASN A 317 2.72 9.87 24.42
N PRO A 318 2.64 9.00 25.45
CA PRO A 318 2.75 9.42 26.85
C PRO A 318 4.10 10.04 27.18
N ASP A 319 4.10 10.86 28.22
CA ASP A 319 5.31 11.50 28.71
C ASP A 319 6.12 10.49 29.52
N SER A 320 5.53 10.04 30.62
CA SER A 320 6.08 9.01 31.48
C SER A 320 4.90 8.44 32.28
N LYS A 321 5.17 7.49 33.18
CA LYS A 321 4.12 7.00 34.08
C LYS A 321 3.57 8.13 34.95
N GLN A 322 4.47 8.90 35.56
CA GLN A 322 4.10 10.00 36.44
C GLN A 322 3.36 11.11 35.68
N GLY A 323 3.82 11.41 34.47
CA GLY A 323 3.18 12.39 33.61
C GLY A 323 1.75 12.03 33.24
N VAL A 324 1.50 10.73 33.08
CA VAL A 324 0.16 10.20 32.82
C VAL A 324 -0.75 10.42 34.03
N LYS A 325 -0.25 10.12 35.23
CA LYS A 325 -1.02 10.40 36.44
C LYS A 325 -1.33 11.89 36.59
N THR A 326 -0.32 12.73 36.38
CA THR A 326 -0.47 14.19 36.47
C THR A 326 -1.52 14.74 35.50
N MET A 327 -1.56 14.17 34.30
CA MET A 327 -2.57 14.55 33.31
C MET A 327 -3.93 13.98 33.69
N ARG A 328 -3.92 12.80 34.31
CA ARG A 328 -5.14 12.14 34.77
C ARG A 328 -5.76 12.96 35.89
N MET A 329 -4.94 13.34 36.87
CA MET A 329 -5.36 14.15 38.01
C MET A 329 -5.98 15.48 37.57
N ARG A 330 -5.43 16.06 36.52
CA ARG A 330 -5.88 17.35 36.00
C ARG A 330 -7.15 17.24 35.16
N LEU A 331 -7.23 16.21 34.32
CA LEU A 331 -8.33 16.09 33.34
C LEU A 331 -9.49 15.20 33.79
N CYS A 332 -9.18 14.13 34.51
CA CYS A 332 -10.21 13.23 35.02
C CYS A 332 -9.86 12.66 36.40
N PRO A 333 -9.91 13.51 37.45
CA PRO A 333 -9.57 13.09 38.81
C PRO A 333 -10.51 12.02 39.37
N GLU A 334 -11.69 11.88 38.78
CA GLU A 334 -12.65 10.87 39.19
C GLU A 334 -12.30 9.48 38.65
N SER A 335 -11.90 9.43 37.38
CA SER A 335 -11.68 8.15 36.68
C SER A 335 -10.87 7.16 37.50
N ARG A 336 -11.32 5.91 37.50
CA ARG A 336 -10.72 4.85 38.30
C ARG A 336 -9.65 4.06 37.54
N LYS A 337 -9.35 4.48 36.30
CA LYS A 337 -8.37 3.80 35.47
C LYS A 337 -6.94 4.05 35.95
N SER A 338 -6.18 2.97 36.06
CA SER A 338 -4.81 3.03 36.56
C SER A 338 -3.88 3.67 35.53
N ALA A 339 -3.08 4.64 35.96
CA ALA A 339 -2.11 5.31 35.10
C ALA A 339 -1.00 4.36 34.68
N ARG A 340 -0.68 3.41 35.56
CA ARG A 340 0.29 2.35 35.29
C ARG A 340 -0.11 1.59 34.03
N LYS A 341 -1.21 0.84 34.12
CA LYS A 341 -1.72 0.02 33.02
C LYS A 341 -1.90 0.82 31.73
N LEU A 342 -2.50 2.00 31.84
CA LEU A 342 -2.74 2.88 30.69
C LEU A 342 -1.47 3.21 29.89
N TYR A 343 -0.35 3.39 30.60
CA TYR A 343 0.96 3.66 30.01
C TYR A 343 1.57 2.42 29.34
N GLU A 344 1.37 1.26 29.96
CA GLU A 344 1.89 0.00 29.45
C GLU A 344 1.11 -0.46 28.21
N ARG A 345 -0.18 -0.15 28.21
CA ARG A 345 -1.09 -0.45 27.10
C ARG A 345 -0.68 0.29 25.81
N SER A 346 -0.35 1.56 25.93
CA SER A 346 0.00 2.39 24.78
C SER A 346 1.36 2.05 24.20
N HIS A 347 2.27 1.54 25.06
CA HIS A 347 3.57 1.08 24.61
C HIS A 347 3.45 -0.28 23.94
N LYS A 348 2.60 -1.13 24.50
CA LYS A 348 2.30 -2.43 23.90
C LYS A 348 1.59 -2.25 22.57
N LEU A 349 0.70 -1.26 22.50
CA LEU A 349 -0.05 -0.97 21.28
C LEU A 349 0.86 -0.38 20.19
N ARG A 350 1.79 0.48 20.59
CA ARG A 350 2.77 1.05 19.67
C ARG A 350 3.74 -0.03 19.23
N LYS A 351 4.12 -0.90 20.17
CA LYS A 351 4.99 -2.05 19.89
C LYS A 351 4.46 -2.89 18.73
N ASN A 352 3.17 -3.21 18.78
CA ASN A 352 2.58 -4.18 17.85
C ASN A 352 1.74 -3.61 16.71
N ASN A 353 1.31 -2.35 16.81
CA ASN A 353 0.44 -1.78 15.80
C ASN A 353 0.82 -0.38 15.31
N HIS A 354 2.09 -0.02 15.43
CA HIS A 354 2.56 1.31 15.00
C HIS A 354 2.33 1.55 13.52
N HIS A 355 2.32 0.49 12.73
CA HIS A 355 2.07 0.59 11.29
C HIS A 355 0.70 1.21 10.99
N LEU A 356 -0.23 1.06 11.93
CA LEU A 356 -1.57 1.60 11.78
C LEU A 356 -1.66 3.08 12.13
N PHE A 357 -0.63 3.62 12.77
CA PHE A 357 -0.62 5.04 13.14
C PHE A 357 -0.51 5.93 11.92
N THR A 358 -1.32 6.98 11.90
CA THR A 358 -1.35 7.90 10.80
C THR A 358 -0.51 9.11 11.17
N THR A 359 -0.54 9.45 12.47
CA THR A 359 0.19 10.57 13.03
C THR A 359 0.44 10.37 14.52
N THR A 360 1.37 11.14 15.08
CA THR A 360 1.72 11.04 16.49
C THR A 360 1.90 12.43 17.13
N ILE A 361 1.38 12.55 18.33
CA ILE A 361 1.46 13.78 19.11
C ILE A 361 2.11 13.44 20.44
N ASN A 362 3.22 14.11 20.72
CA ASN A 362 3.92 13.89 21.97
C ASN A 362 3.34 14.72 23.10
N LEU A 363 2.89 14.02 24.15
CA LEU A 363 2.23 14.64 25.29
C LEU A 363 3.21 15.33 26.21
N ASN A 364 2.92 16.58 26.53
CA ASN A 364 3.61 17.32 27.59
C ASN A 364 2.68 17.47 28.78
N SER A 365 2.95 16.71 29.84
CA SER A 365 2.13 16.71 31.06
C SER A 365 1.80 18.10 31.61
N MET A 366 2.79 18.99 31.59
CA MET A 366 2.66 20.32 32.20
C MET A 366 1.56 21.17 31.58
N ASN A 367 1.19 20.86 30.35
CA ASN A 367 0.15 21.61 29.64
C ASN A 367 -0.84 20.73 28.89
N ASP A 368 -1.89 21.37 28.38
CA ASP A 368 -2.83 20.69 27.52
C ASP A 368 -2.75 21.22 26.10
N GLY A 369 -1.52 21.48 25.65
CA GLY A 369 -1.24 21.88 24.28
C GLY A 369 -1.57 20.77 23.29
N TRP A 370 -1.56 19.54 23.78
CA TRP A 370 -1.93 18.36 22.97
C TRP A 370 -3.29 18.51 22.27
N TYR A 371 -4.24 19.17 22.94
CA TYR A 371 -5.58 19.36 22.42
C TYR A 371 -5.57 20.19 21.14
N GLY A 372 -4.97 21.38 21.21
CA GLY A 372 -4.82 22.26 20.05
C GLY A 372 -4.03 21.58 18.95
N ALA A 373 -3.04 20.78 19.34
CA ALA A 373 -2.21 20.05 18.40
C ALA A 373 -2.99 18.92 17.73
N LEU A 374 -3.93 18.35 18.47
CA LEU A 374 -4.81 17.29 17.99
C LEU A 374 -5.80 17.84 16.97
N LYS A 375 -6.40 18.98 17.28
CA LYS A 375 -7.31 19.68 16.35
C LYS A 375 -6.63 19.91 15.01
N GLU A 376 -5.42 20.44 15.05
CA GLU A 376 -4.69 20.76 13.83
C GLU A 376 -4.21 19.49 13.12
N ALA A 377 -3.73 18.52 13.89
CA ALA A 377 -3.27 17.25 13.29
C ALA A 377 -4.41 16.56 12.53
N ILE A 378 -5.60 16.57 13.10
CA ILE A 378 -6.78 15.97 12.47
C ILE A 378 -7.14 16.64 11.13
N GLN A 379 -7.23 17.98 11.14
CA GLN A 379 -7.54 18.71 9.91
C GLN A 379 -6.45 18.57 8.87
N GLN A 380 -5.21 18.50 9.33
CA GLN A 380 -4.06 18.29 8.46
C GLN A 380 -4.21 16.94 7.74
N GLN A 381 -4.39 15.88 8.52
CA GLN A 381 -4.58 14.53 8.00
C GLN A 381 -5.76 14.44 7.03
N GLN A 382 -6.82 15.17 7.35
CA GLN A 382 -8.02 15.21 6.52
C GLN A 382 -7.72 15.70 5.10
N ASN A 383 -6.90 16.75 4.99
CA ASN A 383 -6.56 17.32 3.69
C ASN A 383 -5.44 16.59 2.96
N GLN A 384 -4.81 15.65 3.66
CA GLN A 384 -3.75 14.83 3.07
C GLN A 384 -4.22 13.88 1.97
N LEU A 385 -3.30 13.58 1.07
CA LEU A 385 -3.47 12.48 0.13
C LEU A 385 -3.36 11.16 0.90
N VAL A 386 -4.24 10.22 0.56
CA VAL A 386 -4.25 8.92 1.22
C VAL A 386 -3.98 7.85 0.18
N TRP A 387 -3.08 6.92 0.50
CA TRP A 387 -2.81 5.76 -0.36
C TRP A 387 -4.01 4.83 -0.29
N VAL A 388 -4.67 4.67 -1.43
CA VAL A 388 -5.94 3.98 -1.52
C VAL A 388 -5.83 2.78 -2.46
N SER A 389 -6.57 1.70 -2.19
CA SER A 389 -6.60 0.52 -3.09
C SER A 389 -7.03 0.92 -4.48
N GLU A 390 -6.29 0.47 -5.49
CA GLU A 390 -6.57 0.83 -6.88
C GLU A 390 -7.81 0.12 -7.44
N GLU B 3 25.14 0.25 -11.64
CA GLU B 3 24.29 -0.77 -10.94
C GLU B 3 22.83 -0.71 -11.41
N PHE B 4 22.10 -1.80 -11.18
CA PHE B 4 20.68 -1.96 -11.54
C PHE B 4 20.36 -1.64 -13.00
N LYS B 5 20.83 -2.49 -13.91
CA LYS B 5 20.39 -2.47 -15.30
C LYS B 5 19.15 -3.36 -15.42
N GLN B 6 18.34 -3.13 -16.45
CA GLN B 6 17.06 -3.83 -16.60
C GLN B 6 17.19 -5.30 -17.03
N THR B 7 17.98 -5.53 -18.09
CA THR B 7 18.21 -6.85 -18.71
C THR B 7 16.95 -7.51 -19.29
N SER B 8 17.05 -7.92 -20.55
CA SER B 8 15.93 -8.50 -21.28
C SER B 8 15.37 -9.72 -20.57
N SER B 9 14.10 -10.03 -20.83
CA SER B 9 13.51 -11.24 -20.30
C SER B 9 14.16 -12.46 -20.95
N PHE B 10 13.97 -13.63 -20.35
CA PHE B 10 14.33 -14.85 -21.04
C PHE B 10 13.46 -15.01 -22.29
N LEU B 11 13.78 -16.00 -23.10
CA LEU B 11 13.03 -16.26 -24.32
C LEU B 11 11.64 -16.81 -24.01
N VAL B 12 10.61 -16.05 -24.39
CA VAL B 12 9.24 -16.49 -24.21
C VAL B 12 8.67 -17.02 -25.53
#